data_5QQI
#
_entry.id   5QQI
#
_cell.length_a   62.505
_cell.length_b   62.505
_cell.length_c   341.296
_cell.angle_alpha   90.000
_cell.angle_beta   90.000
_cell.angle_gamma   120.000
#
_symmetry.space_group_name_H-M   'P 65 2 2'
#
loop_
_entity.id
_entity.type
_entity.pdbx_description
1 polymer 'Ras-related C3 botulinum toxin substrate 1'
2 polymer Kalirin
3 non-polymer 1,2-ETHANEDIOL
4 non-polymer "N-[3-(methoxymethyl)phenyl]-N'-(5-methyl-1,2-oxazol-3-yl)urea"
5 water water
#
loop_
_entity_poly.entity_id
_entity_poly.type
_entity_poly.pdbx_seq_one_letter_code
_entity_poly.pdbx_strand_id
1 'polypeptide(L)'
;SMQAIKCVVVGDGAVGKTCLLISYTTNAFPGEYIPTVFDNYSANVMVDGKPVNLGLWDTAGQEDYDRLRPLSYPQTDVFL
ICFSLVSPASFENVRAKWYPEVRHHCPNTPIILVGTKLDLRDDKDTIEKLKEKKLTPITYPQGLAMAKEIGAVKYLECSA
LTQRGLKTVFDEAIRAVL
;
A
2 'polypeptide(L)'
;SMRKKEFIMAELLQTEKAYVRDLHECLETYLWEMTSGVEEIPPGILNKEHIIFGNIQEIYDFHNNIFLKELEKYEQLPED
VGHCFVTWADKFQMYVTYCKNKPDSNQLILEHAGTFFDEIQQRHGLANSISSYLIKPVQRVTKYQLLLKELLTCCEEGKG
ELKDGLEVMLSVPKKANDAMHV
;
B
#
loop_
_chem_comp.id
_chem_comp.type
_chem_comp.name
_chem_comp.formula
EDO non-polymer 1,2-ETHANEDIOL 'C2 H6 O2'
N6D non-polymer N-[3-(methoxymethyl)phenyl]-N'-(5-methyl-1,2-oxazol-3-yl)urea 'C13 H15 N3 O3'
#
# COMPACT_ATOMS: atom_id res chain seq x y z
N MET A 2 -17.09 18.27 -1.09
CA MET A 2 -15.68 18.41 -1.58
C MET A 2 -15.14 17.09 -2.16
N GLN A 3 -14.84 17.10 -3.46
CA GLN A 3 -14.52 15.89 -4.21
C GLN A 3 -13.31 15.14 -3.60
N ALA A 4 -13.58 13.86 -3.31
CA ALA A 4 -12.62 12.91 -2.79
C ALA A 4 -12.00 12.14 -3.94
N ILE A 5 -10.69 11.89 -3.89
CA ILE A 5 -10.01 11.17 -4.98
C ILE A 5 -9.17 10.01 -4.43
N LYS A 6 -9.52 8.77 -4.80
CA LYS A 6 -8.71 7.61 -4.46
C LYS A 6 -7.65 7.42 -5.57
N CYS A 7 -6.39 7.53 -5.22
CA CYS A 7 -5.23 7.34 -6.17
C CYS A 7 -4.35 6.22 -5.63
N VAL A 8 -4.29 5.13 -6.40
CA VAL A 8 -3.50 3.95 -6.07
C VAL A 8 -2.21 3.94 -6.88
N VAL A 9 -1.09 3.60 -6.23
CA VAL A 9 0.27 3.68 -6.83
C VAL A 9 0.74 2.26 -6.99
N VAL A 10 0.95 1.84 -8.25
CA VAL A 10 1.35 0.48 -8.58
C VAL A 10 2.65 0.45 -9.34
N GLY A 11 3.26 -0.72 -9.42
CA GLY A 11 4.55 -0.87 -10.13
C GLY A 11 5.56 -1.69 -9.35
N ASP A 12 6.68 -2.00 -9.98
CA ASP A 12 7.66 -2.90 -9.37
C ASP A 12 8.26 -2.36 -8.06
N GLY A 13 8.84 -3.21 -7.23
CA GLY A 13 9.61 -2.72 -6.06
C GLY A 13 10.68 -1.65 -6.41
N ALA A 14 11.35 -1.84 -7.56
CA ALA A 14 12.38 -0.88 -8.02
C ALA A 14 11.91 0.53 -8.41
N VAL A 15 10.62 0.82 -8.56
CA VAL A 15 10.19 2.22 -8.73
C VAL A 15 10.44 3.11 -7.52
N GLY A 16 10.42 2.49 -6.32
CA GLY A 16 10.54 3.22 -5.05
C GLY A 16 9.20 3.89 -4.71
N LYS A 17 8.13 3.11 -4.81
CA LYS A 17 6.76 3.64 -4.61
C LYS A 17 6.64 4.32 -3.29
N THR A 18 7.18 3.65 -2.25
CA THR A 18 7.03 4.18 -0.91
C THR A 18 7.72 5.54 -0.71
N CYS A 19 8.94 5.61 -1.18
CA CYS A 19 9.74 6.83 -1.15
C CYS A 19 9.15 7.96 -1.97
N LEU A 20 8.65 7.64 -3.17
CA LEU A 20 7.84 8.58 -3.96
C LEU A 20 6.76 9.27 -3.13
N LEU A 21 5.98 8.45 -2.45
CA LEU A 21 4.81 8.98 -1.74
C LEU A 21 5.21 9.80 -0.54
N ILE A 22 6.31 9.39 0.08
CA ILE A 22 6.78 10.00 1.30
C ILE A 22 7.38 11.31 0.94
N SER A 23 8.16 11.29 -0.14
CA SER A 23 8.77 12.52 -0.60
C SER A 23 7.74 13.50 -1.04
N TYR A 24 6.72 13.03 -1.73
CA TYR A 24 5.65 13.92 -2.08
C TYR A 24 4.97 14.54 -0.85
N THR A 25 4.53 13.71 0.09
CA THR A 25 3.68 14.22 1.17
C THR A 25 4.44 14.98 2.27
N THR A 26 5.71 14.68 2.47
CA THR A 26 6.54 15.47 3.40
C THR A 26 7.27 16.65 2.73
N ASN A 27 7.20 16.75 1.38
CA ASN A 27 7.97 17.76 0.60
C ASN A 27 9.49 17.58 0.72
N ALA A 28 9.93 16.35 1.00
CA ALA A 28 11.36 16.08 1.15
C ALA A 28 11.73 14.60 0.93
N PHE A 29 12.83 14.34 0.21
CA PHE A 29 13.41 13.03 0.14
C PHE A 29 13.72 12.64 1.55
N PRO A 30 13.39 11.40 1.96
CA PRO A 30 13.50 11.08 3.43
C PRO A 30 14.94 10.83 3.91
N GLY A 31 15.81 10.42 3.02
CA GLY A 31 17.26 10.70 3.12
C GLY A 31 17.99 9.85 4.08
N GLU A 32 17.84 10.18 5.35
CA GLU A 32 18.47 9.45 6.47
C GLU A 32 18.03 7.93 6.48
N TYR A 33 16.77 7.65 6.19
CA TYR A 33 16.22 6.29 6.31
C TYR A 33 14.99 6.33 5.44
N ILE A 34 14.88 5.43 4.46
CA ILE A 34 13.68 5.36 3.67
C ILE A 34 12.69 4.44 4.41
N PRO A 35 11.60 5.00 4.98
CA PRO A 35 10.60 4.15 5.63
C PRO A 35 10.03 3.11 4.68
N THR A 36 9.70 1.93 5.21
CA THR A 36 9.00 0.96 4.39
C THR A 36 7.48 1.17 4.41
N VAL A 37 6.92 1.95 5.33
CA VAL A 37 5.49 2.01 5.42
C VAL A 37 4.99 3.39 5.12
N PHE A 38 4.08 3.48 4.16
CA PHE A 38 3.32 4.66 3.92
C PHE A 38 1.84 4.22 4.06
N ASP A 39 1.22 4.67 5.13
CA ASP A 39 -0.20 4.34 5.41
C ASP A 39 -1.09 5.22 4.56
N ASN A 40 -2.26 4.70 4.24
CA ASN A 40 -3.24 5.46 3.44
C ASN A 40 -3.35 6.84 3.97
N TYR A 41 -3.39 7.76 3.02
CA TYR A 41 -3.16 9.14 3.25
C TYR A 41 -4.26 9.94 2.53
N SER A 42 -4.63 11.06 3.11
CA SER A 42 -5.46 12.03 2.43
C SER A 42 -5.08 13.43 2.87
N ALA A 43 -5.25 14.36 1.95
CA ALA A 43 -5.02 15.73 2.23
C ALA A 43 -5.81 16.56 1.23
N ASN A 44 -6.16 17.80 1.61
CA ASN A 44 -6.73 18.79 0.71
C ASN A 44 -5.62 19.38 -0.09
N VAL A 45 -5.81 19.41 -1.41
CA VAL A 45 -4.99 20.25 -2.29
C VAL A 45 -5.93 21.05 -3.19
N MET A 46 -5.54 22.29 -3.55
CA MET A 46 -6.25 23.06 -4.59
C MET A 46 -5.58 22.74 -5.93
N VAL A 47 -6.41 22.47 -6.94
CA VAL A 47 -5.95 22.28 -8.32
C VAL A 47 -6.86 23.05 -9.30
N ASP A 48 -6.24 23.94 -10.10
CA ASP A 48 -6.95 24.86 -11.01
C ASP A 48 -8.09 25.53 -10.26
N GLY A 49 -7.78 26.07 -9.08
CA GLY A 49 -8.75 26.75 -8.25
C GLY A 49 -9.80 25.91 -7.53
N LYS A 50 -9.88 24.60 -7.81
CA LYS A 50 -10.82 23.70 -7.13
C LYS A 50 -10.05 22.98 -6.01
N PRO A 51 -10.38 23.26 -4.72
CA PRO A 51 -10.03 22.33 -3.65
C PRO A 51 -10.54 20.89 -3.83
N VAL A 52 -9.68 19.95 -3.44
CA VAL A 52 -9.84 18.53 -3.71
C VAL A 52 -9.23 17.74 -2.57
N ASN A 53 -9.88 16.67 -2.13
CA ASN A 53 -9.29 15.79 -1.14
C ASN A 53 -8.60 14.63 -1.81
N LEU A 54 -7.28 14.63 -1.77
CA LEU A 54 -6.53 13.62 -2.48
C LEU A 54 -6.25 12.45 -1.56
N GLY A 55 -6.68 11.24 -1.96
CA GLY A 55 -6.36 9.99 -1.26
C GLY A 55 -5.25 9.20 -1.97
N LEU A 56 -4.21 8.84 -1.22
CA LEU A 56 -3.04 8.04 -1.71
C LEU A 56 -2.89 6.71 -0.95
N TRP A 57 -2.90 5.63 -1.70
CA TRP A 57 -2.63 4.29 -1.22
C TRP A 57 -1.37 3.71 -1.88
N ASP A 58 -0.44 3.26 -1.03
CA ASP A 58 0.74 2.56 -1.44
C ASP A 58 0.34 1.11 -1.66
N THR A 59 1.17 0.38 -2.37
CA THR A 59 0.98 -1.07 -2.55
C THR A 59 2.26 -1.88 -2.36
N ALA A 60 3.31 -1.25 -1.86
CA ALA A 60 4.58 -1.93 -1.69
C ALA A 60 4.37 -3.07 -0.74
N GLY A 61 5.08 -4.16 -0.97
CA GLY A 61 4.85 -5.38 -0.28
C GLY A 61 3.95 -6.35 -1.03
N GLN A 62 3.13 -5.90 -1.97
CA GLN A 62 2.17 -6.83 -2.59
C GLN A 62 2.62 -7.32 -3.97
N GLU A 63 3.88 -7.04 -4.30
CA GLU A 63 4.42 -7.26 -5.62
C GLU A 63 4.38 -8.74 -6.01
N ASP A 64 4.46 -9.65 -5.04
CA ASP A 64 4.40 -11.07 -5.34
C ASP A 64 3.02 -11.72 -5.13
N TYR A 65 1.98 -10.95 -4.81
CA TYR A 65 0.72 -11.56 -4.43
C TYR A 65 -0.36 -11.11 -5.38
N ASP A 66 -0.40 -11.78 -6.51
CA ASP A 66 -1.22 -11.35 -7.63
C ASP A 66 -2.73 -11.30 -7.34
N ARG A 67 -3.23 -12.12 -6.42
CA ARG A 67 -4.64 -12.09 -5.99
C ARG A 67 -4.95 -11.12 -4.88
N LEU A 68 -3.94 -10.73 -4.10
CA LEU A 68 -4.13 -9.71 -3.07
C LEU A 68 -4.12 -8.32 -3.65
N ARG A 69 -3.21 -8.06 -4.58
CA ARG A 69 -3.13 -6.67 -5.15
C ARG A 69 -4.44 -6.04 -5.61
N PRO A 70 -5.27 -6.81 -6.36
CA PRO A 70 -6.50 -6.23 -6.84
C PRO A 70 -7.53 -5.92 -5.73
N LEU A 71 -7.31 -6.40 -4.51
CA LEU A 71 -8.15 -5.99 -3.37
C LEU A 71 -8.23 -4.49 -3.17
N SER A 72 -7.15 -3.80 -3.53
CA SER A 72 -7.10 -2.32 -3.51
C SER A 72 -7.67 -1.61 -4.76
N TYR A 73 -7.93 -2.34 -5.85
CA TYR A 73 -8.27 -1.64 -7.11
C TYR A 73 -9.70 -1.07 -7.19
N PRO A 74 -10.70 -1.81 -6.70
CA PRO A 74 -12.06 -1.26 -6.89
C PRO A 74 -12.27 0.13 -6.32
N GLN A 75 -12.99 0.95 -7.09
CA GLN A 75 -13.34 2.34 -6.77
C GLN A 75 -12.21 3.35 -6.78
N THR A 76 -11.08 2.96 -7.35
CA THR A 76 -10.02 3.90 -7.60
C THR A 76 -10.46 4.87 -8.66
N ASP A 77 -10.22 6.15 -8.44
CA ASP A 77 -10.40 7.26 -9.44
C ASP A 77 -9.28 7.46 -10.47
N VAL A 78 -8.03 7.21 -10.05
CA VAL A 78 -6.88 7.29 -10.95
C VAL A 78 -5.72 6.39 -10.44
N PHE A 79 -5.05 5.73 -11.37
CA PHE A 79 -3.86 4.98 -11.05
C PHE A 79 -2.60 5.70 -11.48
N LEU A 80 -1.55 5.63 -10.66
CA LEU A 80 -0.20 5.86 -11.12
C LEU A 80 0.44 4.50 -11.39
N ILE A 81 0.71 4.18 -12.65
CA ILE A 81 1.51 3.00 -12.99
C ILE A 81 2.95 3.45 -13.13
N CYS A 82 3.80 2.97 -12.23
CA CYS A 82 5.14 3.47 -12.15
C CYS A 82 6.19 2.45 -12.61
N PHE A 83 7.31 2.99 -13.09
CA PHE A 83 8.51 2.21 -13.37
C PHE A 83 9.69 3.15 -13.05
N SER A 84 10.84 2.56 -12.83
CA SER A 84 12.04 3.30 -12.61
C SER A 84 12.71 3.53 -14.01
N LEU A 85 13.13 4.76 -14.27
CA LEU A 85 13.82 5.12 -15.53
C LEU A 85 15.19 4.48 -15.66
N VAL A 86 15.70 3.89 -14.59
CA VAL A 86 16.95 3.19 -14.68
C VAL A 86 16.76 1.71 -14.40
N SER A 87 15.53 1.18 -14.51
CA SER A 87 15.31 -0.31 -14.53
C SER A 87 14.43 -0.67 -15.71
N PRO A 88 15.05 -1.17 -16.79
CA PRO A 88 14.34 -1.64 -17.94
C PRO A 88 13.33 -2.73 -17.67
N ALA A 89 13.64 -3.64 -16.76
CA ALA A 89 12.71 -4.69 -16.39
C ALA A 89 11.41 -4.10 -15.77
N SER A 90 11.52 -3.04 -14.94
CA SER A 90 10.33 -2.40 -14.34
C SER A 90 9.49 -1.73 -15.40
N PHE A 91 10.15 -1.08 -16.35
CA PHE A 91 9.49 -0.52 -17.56
C PHE A 91 8.71 -1.59 -18.35
N GLU A 92 9.38 -2.66 -18.70
CA GLU A 92 8.71 -3.75 -19.38
C GLU A 92 7.52 -4.35 -18.60
N ASN A 93 7.64 -4.40 -17.27
CA ASN A 93 6.52 -4.89 -16.43
C ASN A 93 5.29 -4.01 -16.41
N VAL A 94 5.40 -2.79 -16.93
CA VAL A 94 4.23 -1.92 -17.13
C VAL A 94 3.30 -2.65 -18.10
N ARG A 95 3.93 -3.22 -19.14
CA ARG A 95 3.25 -3.89 -20.20
C ARG A 95 2.89 -5.27 -19.78
N ALA A 96 3.82 -5.96 -19.15
CA ALA A 96 3.64 -7.37 -18.86
C ALA A 96 2.70 -7.64 -17.67
N LYS A 97 2.61 -6.72 -16.71
CA LYS A 97 2.05 -7.01 -15.39
C LYS A 97 1.07 -5.94 -14.94
N TRP A 98 1.48 -4.68 -14.90
CA TRP A 98 0.66 -3.65 -14.26
C TRP A 98 -0.58 -3.24 -15.03
N TYR A 99 -0.35 -2.83 -16.28
CA TYR A 99 -1.45 -2.41 -17.13
C TYR A 99 -2.54 -3.55 -17.26
N PRO A 100 -2.14 -4.80 -17.53
CA PRO A 100 -3.19 -5.82 -17.70
C PRO A 100 -4.13 -5.98 -16.51
N GLU A 101 -3.58 -6.16 -15.30
CA GLU A 101 -4.42 -6.27 -14.11
C GLU A 101 -5.18 -4.98 -13.81
N VAL A 102 -4.53 -3.83 -13.90
CA VAL A 102 -5.24 -2.60 -13.63
C VAL A 102 -6.46 -2.49 -14.55
N ARG A 103 -6.25 -2.80 -15.85
CA ARG A 103 -7.33 -2.71 -16.83
C ARG A 103 -8.39 -3.75 -16.70
N HIS A 104 -7.94 -4.96 -16.41
CA HIS A 104 -8.85 -6.05 -16.15
C HIS A 104 -9.86 -5.70 -15.07
N HIS A 105 -9.37 -5.10 -13.97
CA HIS A 105 -10.19 -4.77 -12.81
C HIS A 105 -10.79 -3.41 -12.96
N CYS A 106 -10.14 -2.47 -13.62
CA CYS A 106 -10.69 -1.16 -13.67
C CYS A 106 -10.66 -0.60 -15.10
N PRO A 107 -11.59 -1.04 -15.96
CA PRO A 107 -11.42 -0.71 -17.39
C PRO A 107 -11.51 0.75 -17.78
N ASN A 108 -12.32 1.53 -17.08
CA ASN A 108 -12.52 2.94 -17.39
C ASN A 108 -11.84 3.95 -16.44
N THR A 109 -10.76 3.54 -15.78
CA THR A 109 -10.13 4.39 -14.81
C THR A 109 -8.88 4.90 -15.47
N PRO A 110 -8.61 6.17 -15.31
CA PRO A 110 -7.46 6.79 -15.94
C PRO A 110 -6.11 6.42 -15.34
N ILE A 111 -5.10 6.33 -16.22
CA ILE A 111 -3.75 5.91 -15.83
C ILE A 111 -2.79 7.02 -16.17
N ILE A 112 -1.97 7.37 -15.19
CA ILE A 112 -0.80 8.22 -15.43
C ILE A 112 0.43 7.32 -15.46
N LEU A 113 1.23 7.43 -16.52
CA LEU A 113 2.47 6.64 -16.59
C LEU A 113 3.55 7.46 -15.94
N VAL A 114 4.14 6.94 -14.87
CA VAL A 114 5.17 7.69 -14.15
C VAL A 114 6.54 7.00 -14.20
N GLY A 115 7.55 7.70 -14.76
CA GLY A 115 8.99 7.25 -14.69
C GLY A 115 9.62 7.92 -13.46
N THR A 116 10.11 7.11 -12.49
CA THR A 116 10.75 7.59 -11.25
C THR A 116 12.23 7.43 -11.41
N LYS A 117 12.97 7.94 -10.43
CA LYS A 117 14.41 7.95 -10.45
C LYS A 117 15.06 8.68 -11.61
N LEU A 118 14.49 9.83 -11.97
CA LEU A 118 15.07 10.63 -13.07
C LEU A 118 16.52 11.08 -12.79
N ASP A 119 16.86 11.37 -11.55
CA ASP A 119 18.24 11.77 -11.18
C ASP A 119 19.30 10.67 -11.42
N LEU A 120 18.89 9.41 -11.39
CA LEU A 120 19.82 8.28 -11.62
C LEU A 120 20.03 7.97 -13.11
N ARG A 121 19.34 8.66 -14.01
CA ARG A 121 19.43 8.41 -15.45
C ARG A 121 20.62 9.10 -16.11
N ASP A 122 21.10 10.20 -15.52
CA ASP A 122 22.37 10.84 -15.90
C ASP A 122 23.52 10.45 -15.01
N ASP A 123 23.39 9.41 -14.18
CA ASP A 123 24.40 9.11 -13.17
C ASP A 123 25.40 8.11 -13.74
N LYS A 124 26.69 8.45 -13.77
CA LYS A 124 27.74 7.56 -14.39
C LYS A 124 27.72 6.11 -13.86
N ASP A 125 27.69 5.95 -12.55
CA ASP A 125 27.73 4.64 -11.90
C ASP A 125 26.50 3.76 -12.26
N THR A 126 25.29 4.34 -12.17
CA THR A 126 24.07 3.66 -12.63
C THR A 126 24.18 3.22 -14.10
N ILE A 127 24.53 4.19 -14.95
CA ILE A 127 24.62 4.00 -16.40
C ILE A 127 25.61 2.89 -16.74
N GLU A 128 26.74 2.87 -16.03
CA GLU A 128 27.79 1.87 -16.26
C GLU A 128 27.31 0.52 -15.75
N LYS A 129 26.60 0.50 -14.62
CA LYS A 129 26.03 -0.76 -14.14
C LYS A 129 25.08 -1.34 -15.19
N LEU A 130 24.21 -0.53 -15.78
CA LEU A 130 23.34 -1.02 -16.89
C LEU A 130 24.11 -1.44 -18.17
N LYS A 131 25.15 -0.69 -18.50
CA LYS A 131 25.96 -1.00 -19.71
C LYS A 131 26.51 -2.40 -19.59
N GLU A 132 26.96 -2.79 -18.39
CA GLU A 132 27.48 -4.12 -18.11
C GLU A 132 26.45 -5.22 -18.25
N LYS A 133 25.16 -4.89 -18.31
CA LYS A 133 24.11 -5.89 -18.61
C LYS A 133 23.54 -5.71 -20.04
N LYS A 134 24.25 -4.99 -20.94
CA LYS A 134 23.74 -4.63 -22.26
C LYS A 134 22.37 -3.90 -22.24
N LEU A 135 22.24 -2.94 -21.33
CA LEU A 135 21.03 -2.15 -21.17
C LEU A 135 21.39 -0.67 -21.07
N THR A 136 20.37 0.17 -21.22
CA THR A 136 20.50 1.65 -21.06
C THR A 136 19.29 2.14 -20.21
N PRO A 137 19.36 3.35 -19.62
CA PRO A 137 18.19 3.94 -19.02
C PRO A 137 17.08 4.09 -20.03
N ILE A 138 15.85 4.18 -19.54
CA ILE A 138 14.68 4.40 -20.37
C ILE A 138 14.62 5.89 -20.65
N THR A 139 14.48 6.25 -21.93
CA THR A 139 14.39 7.63 -22.34
C THR A 139 12.97 8.04 -22.62
N TYR A 140 12.80 9.36 -22.72
CA TYR A 140 11.56 10.06 -22.85
C TYR A 140 10.62 9.50 -23.95
N PRO A 141 11.10 9.35 -25.21
CA PRO A 141 10.22 8.73 -26.25
C PRO A 141 9.75 7.30 -25.92
N GLN A 142 10.56 6.53 -25.17
CA GLN A 142 10.17 5.18 -24.74
C GLN A 142 8.96 5.23 -23.77
N GLY A 143 8.95 6.18 -22.82
CA GLY A 143 7.83 6.34 -21.94
C GLY A 143 6.60 6.83 -22.70
N LEU A 144 6.81 7.81 -23.55
CA LEU A 144 5.73 8.27 -24.46
C LEU A 144 5.11 7.12 -25.26
N ALA A 145 5.93 6.28 -25.86
CA ALA A 145 5.40 5.17 -26.63
C ALA A 145 4.65 4.14 -25.72
N MET A 146 5.18 3.87 -24.52
CA MET A 146 4.48 3.04 -23.54
C MET A 146 3.15 3.65 -23.10
N ALA A 147 3.14 4.93 -22.78
CA ALA A 147 1.93 5.62 -22.38
C ALA A 147 0.85 5.38 -23.43
N LYS A 148 1.18 5.65 -24.71
CA LYS A 148 0.28 5.46 -25.85
C LYS A 148 -0.20 4.03 -25.98
N GLU A 149 0.68 3.07 -25.91
CA GLU A 149 0.26 1.70 -25.94
C GLU A 149 -0.75 1.34 -24.83
N ILE A 150 -0.66 1.91 -23.64
CA ILE A 150 -1.53 1.46 -22.52
C ILE A 150 -2.77 2.32 -22.30
N GLY A 151 -2.97 3.36 -23.11
CA GLY A 151 -4.02 4.34 -22.91
C GLY A 151 -3.75 5.35 -21.81
N ALA A 152 -2.49 5.60 -21.45
CA ALA A 152 -2.21 6.50 -20.32
C ALA A 152 -2.52 7.91 -20.73
N VAL A 153 -3.12 8.68 -19.83
CA VAL A 153 -3.56 9.99 -20.22
C VAL A 153 -2.36 10.92 -20.30
N LYS A 154 -1.33 10.66 -19.48
CA LYS A 154 -0.10 11.46 -19.42
C LYS A 154 1.08 10.56 -19.16
N TYR A 155 2.22 10.86 -19.74
CA TYR A 155 3.47 10.20 -19.33
C TYR A 155 4.26 11.29 -18.63
N LEU A 156 4.73 10.99 -17.42
CA LEU A 156 5.47 11.98 -16.62
C LEU A 156 6.71 11.33 -15.98
N GLU A 157 7.80 12.08 -15.88
CA GLU A 157 9.04 11.64 -15.29
C GLU A 157 9.23 12.47 -14.04
N CYS A 158 9.74 11.85 -12.97
CA CYS A 158 10.09 12.61 -11.75
C CYS A 158 11.22 12.01 -10.97
N SER A 159 11.78 12.84 -10.10
CA SER A 159 12.74 12.41 -9.09
C SER A 159 12.18 12.83 -7.72
N ALA A 160 12.17 11.89 -6.78
CA ALA A 160 11.83 12.21 -5.38
C ALA A 160 13.04 12.76 -4.63
N LEU A 161 14.25 12.38 -5.06
CA LEU A 161 15.50 12.93 -4.53
C LEU A 161 15.53 14.44 -4.68
N THR A 162 15.34 14.90 -5.91
CA THR A 162 15.46 16.32 -6.26
C THR A 162 14.10 17.05 -6.24
N GLN A 163 13.00 16.31 -6.17
CA GLN A 163 11.59 16.81 -6.30
C GLN A 163 11.18 17.18 -7.71
N ARG A 164 12.08 16.95 -8.66
CA ARG A 164 11.81 17.43 -10.01
C ARG A 164 10.65 16.66 -10.58
N GLY A 165 9.63 17.37 -11.08
CA GLY A 165 8.42 16.78 -11.63
C GLY A 165 7.49 16.07 -10.64
N LEU A 166 7.81 16.11 -9.35
CA LEU A 166 7.11 15.24 -8.43
C LEU A 166 5.68 15.79 -8.16
N LYS A 167 5.57 17.03 -7.76
CA LYS A 167 4.28 17.67 -7.45
C LYS A 167 3.38 17.65 -8.67
N THR A 168 3.97 17.88 -9.87
CA THR A 168 3.26 17.71 -11.19
C THR A 168 2.59 16.34 -11.33
N VAL A 169 3.29 15.27 -10.94
CA VAL A 169 2.66 13.89 -10.98
C VAL A 169 1.25 13.84 -10.41
N PHE A 170 1.10 14.38 -9.24
CA PHE A 170 -0.10 14.23 -8.45
C PHE A 170 -1.12 15.30 -8.82
N ASP A 171 -0.65 16.47 -9.23
CA ASP A 171 -1.48 17.47 -9.92
C ASP A 171 -2.20 16.88 -11.08
N GLU A 172 -1.44 16.17 -11.90
CA GLU A 172 -1.96 15.60 -13.10
C GLU A 172 -2.86 14.37 -12.84
N ALA A 173 -2.56 13.57 -11.81
CA ALA A 173 -3.51 12.53 -11.39
C ALA A 173 -4.89 13.18 -11.03
N ILE A 174 -4.85 14.35 -10.40
CA ILE A 174 -6.06 15.04 -9.99
C ILE A 174 -6.76 15.60 -11.23
N ARG A 175 -6.02 16.28 -12.12
CA ARG A 175 -6.58 16.77 -13.40
C ARG A 175 -7.12 15.66 -14.25
N ALA A 176 -6.57 14.47 -14.17
CA ALA A 176 -7.15 13.34 -14.92
C ALA A 176 -8.54 12.94 -14.43
N VAL A 177 -8.97 13.42 -13.27
CA VAL A 177 -10.28 12.99 -12.70
C VAL A 177 -11.36 14.08 -12.86
N LEU A 178 -10.96 15.35 -12.95
CA LEU A 178 -11.89 16.48 -12.89
C LEU A 178 -12.66 16.68 -14.17
N ARG B 3 22.52 1.60 13.97
CA ARG B 3 21.67 2.70 13.44
C ARG B 3 20.52 2.16 12.53
N LYS B 4 20.88 1.45 11.45
CA LYS B 4 19.85 1.06 10.51
C LYS B 4 18.88 0.07 11.12
N LYS B 5 19.39 -0.94 11.82
CA LYS B 5 18.50 -1.91 12.48
C LYS B 5 17.60 -1.27 13.52
N GLU B 6 18.08 -0.20 14.13
CA GLU B 6 17.28 0.55 15.08
C GLU B 6 16.18 1.35 14.40
N PHE B 7 16.47 2.03 13.28
CA PHE B 7 15.44 2.75 12.54
C PHE B 7 14.35 1.74 12.15
N ILE B 8 14.77 0.60 11.66
CA ILE B 8 13.77 -0.37 11.17
C ILE B 8 12.87 -0.86 12.30
N MET B 9 13.52 -1.19 13.45
CA MET B 9 12.78 -1.64 14.62
C MET B 9 11.81 -0.59 15.10
N ALA B 10 12.25 0.67 15.08
CA ALA B 10 11.39 1.73 15.47
C ALA B 10 10.17 1.87 14.57
N GLU B 11 10.39 1.71 13.28
CA GLU B 11 9.31 1.78 12.32
C GLU B 11 8.36 0.61 12.55
N LEU B 12 8.93 -0.56 12.68
CA LEU B 12 8.10 -1.74 13.03
C LEU B 12 7.12 -1.50 14.15
N LEU B 13 7.64 -1.04 15.28
CA LEU B 13 6.83 -0.73 16.43
C LEU B 13 5.89 0.45 16.21
N GLN B 14 6.37 1.55 15.62
CA GLN B 14 5.51 2.72 15.40
C GLN B 14 4.35 2.35 14.50
N THR B 15 4.65 1.64 13.43
CA THR B 15 3.60 1.22 12.54
C THR B 15 2.65 0.17 13.11
N GLU B 16 3.15 -0.63 14.02
CA GLU B 16 2.32 -1.61 14.70
C GLU B 16 1.33 -0.87 15.57
N LYS B 17 1.75 0.20 16.24
CA LYS B 17 0.86 0.94 17.09
C LYS B 17 -0.22 1.59 16.27
N ALA B 18 0.18 2.12 15.15
CA ALA B 18 -0.76 2.82 14.25
C ALA B 18 -1.77 1.81 13.66
N TYR B 19 -1.30 0.63 13.30
CA TYR B 19 -2.19 -0.44 12.85
C TYR B 19 -3.23 -0.82 13.94
N VAL B 20 -2.79 -0.95 15.22
CA VAL B 20 -3.68 -1.25 16.30
C VAL B 20 -4.68 -0.11 16.51
N ARG B 21 -4.19 1.13 16.52
CA ARG B 21 -5.04 2.28 16.57
C ARG B 21 -6.04 2.28 15.43
N ASP B 22 -5.58 2.00 14.19
CA ASP B 22 -6.44 2.01 13.05
C ASP B 22 -7.58 0.96 13.14
N LEU B 23 -7.24 -0.28 13.50
CA LEU B 23 -8.24 -1.30 13.66
C LEU B 23 -9.23 -0.91 14.75
N HIS B 24 -8.70 -0.38 15.85
CA HIS B 24 -9.55 0.01 16.96
C HIS B 24 -10.56 1.05 16.51
N GLU B 25 -10.11 2.03 15.77
CA GLU B 25 -11.00 3.09 15.25
C GLU B 25 -12.05 2.54 14.31
N CYS B 26 -11.64 1.66 13.43
CA CYS B 26 -12.58 0.98 12.56
C CYS B 26 -13.68 0.22 13.35
N LEU B 27 -13.27 -0.52 14.37
CA LEU B 27 -14.24 -1.31 15.13
C LEU B 27 -15.16 -0.40 15.91
N GLU B 28 -14.62 0.67 16.48
CA GLU B 28 -15.42 1.50 17.34
C GLU B 28 -16.23 2.60 16.66
N THR B 29 -16.09 2.75 15.34
CA THR B 29 -16.84 3.75 14.61
C THR B 29 -17.73 2.98 13.66
N TYR B 30 -17.17 2.52 12.53
CA TYR B 30 -17.95 1.84 11.50
C TYR B 30 -18.67 0.57 11.97
N LEU B 31 -17.98 -0.25 12.77
CA LEU B 31 -18.60 -1.47 13.27
C LEU B 31 -19.66 -1.15 14.32
N TRP B 32 -19.30 -0.30 15.27
CA TRP B 32 -20.16 -0.04 16.41
C TRP B 32 -21.51 0.57 16.01
N GLU B 33 -21.51 1.31 14.90
CA GLU B 33 -22.71 1.91 14.40
C GLU B 33 -23.67 0.89 13.84
N MET B 34 -23.17 -0.29 13.44
CA MET B 34 -24.03 -1.39 13.01
C MET B 34 -24.59 -2.23 14.13
N THR B 35 -23.77 -2.44 15.14
CA THR B 35 -24.11 -3.33 16.19
C THR B 35 -24.80 -2.62 17.34
N SER B 36 -24.73 -1.30 17.35
CA SER B 36 -25.19 -0.53 18.45
C SER B 36 -26.70 -0.65 18.55
N GLY B 37 -27.36 -0.29 17.47
CA GLY B 37 -28.77 0.09 17.49
C GLY B 37 -28.97 1.56 17.79
N VAL B 38 -28.03 2.41 17.36
CA VAL B 38 -28.19 3.88 17.47
C VAL B 38 -28.72 4.50 16.15
N GLU B 39 -28.45 3.86 15.01
CA GLU B 39 -28.73 4.43 13.67
C GLU B 39 -29.49 3.39 12.83
N GLU B 40 -30.11 3.83 11.73
CA GLU B 40 -30.90 2.94 10.86
C GLU B 40 -30.04 2.21 9.84
N ILE B 41 -30.04 0.88 9.88
CA ILE B 41 -29.19 0.07 9.01
C ILE B 41 -29.90 -0.24 7.67
N PRO B 42 -29.23 -0.04 6.53
CA PRO B 42 -29.82 -0.51 5.28
C PRO B 42 -30.15 -1.99 5.30
N PRO B 43 -31.32 -2.35 4.81
CA PRO B 43 -31.71 -3.76 4.84
C PRO B 43 -30.74 -4.62 4.01
N GLY B 44 -30.10 -4.00 3.02
CA GLY B 44 -29.03 -4.64 2.27
C GLY B 44 -27.91 -5.26 3.11
N ILE B 45 -27.58 -4.62 4.23
CA ILE B 45 -26.44 -5.04 5.11
C ILE B 45 -26.79 -5.48 6.53
N LEU B 46 -28.09 -5.44 6.86
CA LEU B 46 -28.55 -5.73 8.21
C LEU B 46 -28.07 -7.08 8.57
N ASN B 47 -27.49 -7.20 9.77
CA ASN B 47 -26.89 -8.44 10.24
C ASN B 47 -25.85 -9.06 9.33
N LYS B 48 -25.25 -8.25 8.42
CA LYS B 48 -24.19 -8.74 7.54
C LYS B 48 -22.78 -8.18 7.92
N GLU B 49 -22.63 -7.73 9.16
CA GLU B 49 -21.35 -7.25 9.70
C GLU B 49 -20.27 -8.32 9.70
N HIS B 50 -20.64 -9.58 9.83
CA HIS B 50 -19.69 -10.65 9.58
C HIS B 50 -19.06 -10.65 8.15
N ILE B 51 -19.85 -10.31 7.14
CA ILE B 51 -19.34 -10.25 5.77
C ILE B 51 -18.50 -8.96 5.58
N ILE B 52 -19.02 -7.84 6.03
CA ILE B 52 -18.34 -6.58 5.89
C ILE B 52 -16.93 -6.57 6.54
N PHE B 53 -16.87 -6.95 7.81
CA PHE B 53 -15.70 -6.76 8.65
C PHE B 53 -14.87 -8.02 8.71
N GLY B 54 -15.39 -9.12 8.14
CA GLY B 54 -14.74 -10.42 8.28
C GLY B 54 -14.31 -10.71 9.71
N ASN B 55 -13.09 -11.19 9.89
CA ASN B 55 -12.62 -11.53 11.24
C ASN B 55 -11.73 -10.44 11.84
N ILE B 56 -12.02 -9.19 11.51
CA ILE B 56 -11.10 -8.11 11.82
C ILE B 56 -11.00 -7.93 13.33
N GLN B 57 -12.11 -8.13 14.04
CA GLN B 57 -12.13 -8.24 15.51
C GLN B 57 -11.04 -9.14 16.04
N GLU B 58 -10.93 -10.34 15.49
CA GLU B 58 -10.05 -11.35 16.02
C GLU B 58 -8.59 -10.98 15.67
N ILE B 59 -8.41 -10.36 14.51
CA ILE B 59 -7.14 -9.81 14.11
C ILE B 59 -6.72 -8.70 15.05
N TYR B 60 -7.63 -7.77 15.34
CA TYR B 60 -7.36 -6.70 16.28
C TYR B 60 -6.99 -7.22 17.69
N ASP B 61 -7.68 -8.24 18.16
CA ASP B 61 -7.41 -8.73 19.51
C ASP B 61 -6.03 -9.39 19.54
N PHE B 62 -5.63 -10.04 18.46
CA PHE B 62 -4.30 -10.61 18.37
C PHE B 62 -3.24 -9.52 18.54
N HIS B 63 -3.38 -8.42 17.78
CA HIS B 63 -2.40 -7.35 17.80
C HIS B 63 -2.41 -6.58 19.09
N ASN B 64 -3.62 -6.32 19.61
CA ASN B 64 -3.81 -5.48 20.74
C ASN B 64 -3.55 -6.24 22.05
N ASN B 65 -3.88 -7.53 22.14
CA ASN B 65 -3.67 -8.29 23.38
C ASN B 65 -2.27 -8.90 23.43
N ILE B 66 -1.73 -9.33 22.28
CA ILE B 66 -0.49 -10.13 22.21
C ILE B 66 0.64 -9.51 21.39
N PHE B 67 0.39 -9.30 20.09
CA PHE B 67 1.53 -9.10 19.20
C PHE B 67 2.29 -7.81 19.47
N LEU B 68 1.58 -6.70 19.71
CA LEU B 68 2.26 -5.43 19.99
C LEU B 68 3.11 -5.48 21.26
N LYS B 69 2.55 -5.98 22.37
CA LYS B 69 3.33 -6.11 23.63
C LYS B 69 4.60 -7.00 23.44
N GLU B 70 4.50 -8.04 22.65
CA GLU B 70 5.65 -8.89 22.37
C GLU B 70 6.64 -8.28 21.42
N LEU B 71 6.15 -7.54 20.41
CA LEU B 71 7.05 -6.84 19.55
C LEU B 71 7.85 -5.80 20.37
N GLU B 72 7.19 -5.17 21.31
CA GLU B 72 7.85 -4.21 22.19
C GLU B 72 8.96 -4.79 23.01
N LYS B 73 8.79 -6.03 23.44
CA LYS B 73 9.82 -6.72 24.22
C LYS B 73 11.10 -6.95 23.41
N TYR B 74 10.97 -7.01 22.09
CA TYR B 74 12.10 -7.16 21.17
C TYR B 74 12.72 -5.84 20.71
N GLU B 75 12.32 -4.68 21.29
CA GLU B 75 12.77 -3.37 20.80
C GLU B 75 14.28 -3.27 20.77
N GLN B 76 14.92 -3.74 21.84
CA GLN B 76 16.37 -3.69 21.97
C GLN B 76 17.02 -4.94 21.39
N LEU B 77 16.23 -5.80 20.77
CA LEU B 77 16.73 -7.04 20.23
C LEU B 77 16.30 -7.18 18.83
N PRO B 78 16.48 -6.15 18.00
CA PRO B 78 15.99 -6.25 16.60
C PRO B 78 16.40 -7.52 15.84
N GLU B 79 17.63 -7.97 16.04
CA GLU B 79 18.17 -9.14 15.32
C GLU B 79 17.50 -10.47 15.65
N ASP B 80 16.77 -10.50 16.76
CA ASP B 80 16.00 -11.62 17.23
C ASP B 80 14.49 -11.57 16.88
N VAL B 81 14.05 -10.56 16.17
CA VAL B 81 12.57 -10.29 16.11
C VAL B 81 11.85 -11.25 15.18
N GLY B 82 12.61 -11.92 14.33
CA GLY B 82 12.05 -12.96 13.50
C GLY B 82 11.35 -14.06 14.28
N HIS B 83 11.93 -14.42 15.42
CA HIS B 83 11.37 -15.40 16.36
C HIS B 83 9.95 -15.02 16.86
N CYS B 84 9.66 -13.73 17.04
CA CYS B 84 8.28 -13.27 17.36
C CYS B 84 7.32 -13.75 16.32
N PHE B 85 7.69 -13.68 15.05
CA PHE B 85 6.82 -14.15 13.99
C PHE B 85 6.69 -15.69 14.00
N VAL B 86 7.77 -16.36 14.35
CA VAL B 86 7.71 -17.79 14.51
C VAL B 86 6.86 -18.18 15.73
N THR B 87 7.09 -17.59 16.89
CA THR B 87 6.27 -17.87 18.07
C THR B 87 4.75 -17.74 17.73
N TRP B 88 4.37 -16.70 16.98
CA TRP B 88 2.94 -16.40 16.77
C TRP B 88 2.41 -16.73 15.36
N ALA B 89 3.15 -17.56 14.64
CA ALA B 89 2.76 -17.92 13.26
C ALA B 89 1.33 -18.35 13.15
N ASP B 90 0.84 -19.19 14.06
CA ASP B 90 -0.53 -19.68 13.95
C ASP B 90 -1.57 -18.58 13.88
N LYS B 91 -1.41 -17.60 14.77
CA LYS B 91 -2.30 -16.41 14.80
C LYS B 91 -2.42 -15.74 13.45
N PHE B 92 -1.35 -15.73 12.66
CA PHE B 92 -1.38 -15.06 11.36
C PHE B 92 -2.22 -15.73 10.29
N GLN B 93 -2.54 -16.99 10.54
CA GLN B 93 -3.45 -17.71 9.68
C GLN B 93 -4.78 -17.00 9.62
N MET B 94 -5.17 -16.22 10.64
CA MET B 94 -6.40 -15.45 10.51
C MET B 94 -6.44 -14.41 9.37
N TYR B 95 -5.29 -14.01 8.86
CA TYR B 95 -5.26 -13.15 7.66
C TYR B 95 -5.71 -13.88 6.40
N VAL B 96 -5.53 -15.20 6.41
CA VAL B 96 -5.98 -16.05 5.31
C VAL B 96 -7.49 -15.90 5.21
N THR B 97 -8.17 -16.09 6.33
CA THR B 97 -9.62 -15.89 6.38
C THR B 97 -10.03 -14.50 5.97
N TYR B 98 -9.29 -13.51 6.44
CA TYR B 98 -9.65 -12.09 6.19
C TYR B 98 -9.62 -11.82 4.69
N CYS B 99 -8.52 -12.25 4.07
CA CYS B 99 -8.30 -11.96 2.65
C CYS B 99 -9.35 -12.62 1.77
N LYS B 100 -9.65 -13.89 2.02
CA LYS B 100 -10.76 -14.62 1.34
C LYS B 100 -12.04 -13.84 1.35
N ASN B 101 -12.39 -13.24 2.49
CA ASN B 101 -13.67 -12.53 2.62
C ASN B 101 -13.71 -11.15 2.00
N LYS B 102 -12.55 -10.62 1.65
CA LYS B 102 -12.47 -9.19 1.36
C LYS B 102 -13.26 -8.79 0.09
N PRO B 103 -13.21 -9.61 -0.98
CA PRO B 103 -14.05 -9.32 -2.12
C PRO B 103 -15.55 -9.29 -1.78
N ASP B 104 -16.03 -10.34 -1.12
CA ASP B 104 -17.44 -10.33 -0.68
C ASP B 104 -17.72 -9.10 0.16
N SER B 105 -16.81 -8.73 1.06
CA SER B 105 -17.00 -7.48 1.85
C SER B 105 -17.19 -6.27 1.00
N ASN B 106 -16.30 -6.10 0.02
CA ASN B 106 -16.31 -4.91 -0.78
C ASN B 106 -17.59 -4.81 -1.66
N GLN B 107 -18.02 -5.90 -2.26
CA GLN B 107 -19.18 -5.86 -3.15
C GLN B 107 -20.47 -5.55 -2.38
N LEU B 108 -20.59 -6.17 -1.21
CA LEU B 108 -21.66 -5.86 -0.26
C LEU B 108 -21.77 -4.41 0.07
N ILE B 109 -20.63 -3.79 0.37
CA ILE B 109 -20.64 -2.36 0.71
C ILE B 109 -21.04 -1.52 -0.52
N LEU B 110 -20.56 -1.92 -1.68
CA LEU B 110 -20.91 -1.18 -2.90
C LEU B 110 -22.37 -1.32 -3.23
N GLU B 111 -22.82 -2.56 -3.45
CA GLU B 111 -24.16 -2.86 -3.97
C GLU B 111 -25.30 -2.55 -3.01
N HIS B 112 -25.03 -2.54 -1.71
CA HIS B 112 -26.10 -2.58 -0.70
C HIS B 112 -25.99 -1.63 0.49
N ALA B 113 -24.94 -0.80 0.53
CA ALA B 113 -24.74 0.01 1.72
C ALA B 113 -25.05 1.44 1.49
N GLY B 114 -25.19 1.82 0.23
CA GLY B 114 -25.40 3.22 -0.14
C GLY B 114 -24.36 4.02 0.54
N THR B 115 -24.78 5.06 1.27
CA THR B 115 -23.87 6.00 1.93
C THR B 115 -23.90 5.86 3.46
N PHE B 116 -24.28 4.66 3.93
CA PHE B 116 -24.37 4.43 5.38
C PHE B 116 -23.00 4.76 5.98
N PHE B 117 -21.97 4.08 5.45
CA PHE B 117 -20.61 4.26 5.98
C PHE B 117 -20.03 5.63 5.70
N ASP B 118 -20.37 6.23 4.56
CA ASP B 118 -19.96 7.59 4.28
C ASP B 118 -20.52 8.63 5.22
N GLU B 119 -21.83 8.52 5.48
CA GLU B 119 -22.46 9.30 6.54
C GLU B 119 -21.71 9.07 7.86
N ILE B 120 -21.45 7.81 8.22
CA ILE B 120 -20.72 7.59 9.50
C ILE B 120 -19.35 8.24 9.47
N GLN B 121 -18.69 8.23 8.33
CA GLN B 121 -17.35 8.88 8.23
C GLN B 121 -17.38 10.38 8.47
N GLN B 122 -18.35 11.06 7.84
CA GLN B 122 -18.55 12.49 7.98
C GLN B 122 -18.87 12.79 9.45
N ARG B 123 -19.88 12.11 9.99
CA ARG B 123 -20.24 12.28 11.42
C ARG B 123 -19.04 12.21 12.39
N HIS B 124 -18.20 11.18 12.25
CA HIS B 124 -16.98 11.09 13.08
C HIS B 124 -15.81 11.94 12.57
N GLY B 125 -15.84 12.43 11.32
CA GLY B 125 -14.75 13.29 10.82
C GLY B 125 -13.46 12.53 10.55
N LEU B 126 -13.60 11.29 10.09
CA LEU B 126 -12.49 10.43 9.79
C LEU B 126 -11.91 10.69 8.39
N ALA B 127 -10.58 10.77 8.33
CA ALA B 127 -9.88 10.85 7.06
C ALA B 127 -10.00 9.54 6.28
N ASN B 128 -10.13 8.42 6.98
CA ASN B 128 -10.18 7.11 6.32
C ASN B 128 -11.61 6.60 6.21
N SER B 129 -11.94 6.10 5.02
CA SER B 129 -13.21 5.57 4.73
C SER B 129 -13.21 4.18 5.23
N ILE B 130 -14.40 3.62 5.31
CA ILE B 130 -14.48 2.22 5.68
C ILE B 130 -13.61 1.36 4.78
N SER B 131 -13.57 1.63 3.47
CA SER B 131 -12.74 0.82 2.58
C SER B 131 -11.22 0.94 2.88
N SER B 132 -10.80 2.13 3.27
CA SER B 132 -9.42 2.40 3.65
C SER B 132 -9.00 1.66 4.91
N TYR B 133 -9.92 1.60 5.87
CA TYR B 133 -9.67 0.75 7.02
C TYR B 133 -9.67 -0.70 6.65
N LEU B 134 -10.59 -1.16 5.83
CA LEU B 134 -10.68 -2.61 5.63
C LEU B 134 -9.57 -3.17 4.73
N ILE B 135 -8.90 -2.31 3.94
CA ILE B 135 -7.67 -2.74 3.26
C ILE B 135 -6.45 -2.93 4.18
N LYS B 136 -6.45 -2.28 5.34
CA LYS B 136 -5.26 -2.24 6.18
C LYS B 136 -4.69 -3.58 6.60
N PRO B 137 -5.57 -4.58 6.88
CA PRO B 137 -5.03 -5.88 7.19
C PRO B 137 -4.31 -6.57 6.04
N VAL B 138 -4.74 -6.29 4.83
CA VAL B 138 -4.11 -6.82 3.68
C VAL B 138 -2.76 -6.12 3.51
N GLN B 139 -2.73 -4.82 3.75
CA GLN B 139 -1.50 -4.07 3.67
C GLN B 139 -0.53 -4.53 4.72
N ARG B 140 -1.02 -4.69 5.94
CA ARG B 140 -0.14 -4.94 7.08
C ARG B 140 0.59 -6.24 6.89
N VAL B 141 -0.15 -7.25 6.43
CA VAL B 141 0.36 -8.62 6.41
C VAL B 141 1.40 -8.88 5.34
N THR B 142 1.39 -8.04 4.31
CA THR B 142 2.40 -8.05 3.24
C THR B 142 3.59 -7.14 3.49
N LYS B 143 3.51 -6.38 4.56
CA LYS B 143 4.48 -5.40 4.95
C LYS B 143 5.53 -5.93 5.93
N TYR B 144 5.11 -6.83 6.84
CA TYR B 144 6.09 -7.44 7.79
C TYR B 144 7.29 -8.06 7.08
N GLN B 145 7.05 -8.72 5.95
CA GLN B 145 8.15 -9.31 5.15
C GLN B 145 9.13 -8.26 4.59
N LEU B 146 8.65 -7.06 4.25
CA LEU B 146 9.58 -5.93 3.84
C LEU B 146 10.49 -5.45 4.95
N LEU B 147 9.92 -5.32 6.14
CA LEU B 147 10.69 -4.96 7.33
C LEU B 147 11.71 -6.03 7.67
N LEU B 148 11.34 -7.30 7.61
CA LEU B 148 12.29 -8.35 7.91
C LEU B 148 13.43 -8.38 6.89
N LYS B 149 13.09 -8.27 5.60
CA LYS B 149 14.15 -8.16 4.58
C LYS B 149 15.10 -6.96 4.84
N GLU B 150 14.57 -5.80 5.17
CA GLU B 150 15.42 -4.73 5.63
C GLU B 150 16.34 -5.07 6.78
N LEU B 151 15.83 -5.77 7.80
CA LEU B 151 16.73 -6.16 8.91
C LEU B 151 17.83 -7.10 8.46
N LEU B 152 17.53 -7.98 7.52
CA LEU B 152 18.53 -8.90 6.99
C LEU B 152 19.69 -8.24 6.26
N THR B 153 19.46 -7.07 5.71
CA THR B 153 20.52 -6.30 5.05
C THR B 153 21.48 -5.66 6.01
N CYS B 154 21.15 -5.61 7.29
CA CYS B 154 21.97 -4.91 8.26
C CYS B 154 22.14 -5.61 9.63
N CYS B 155 21.93 -6.91 9.72
CA CYS B 155 22.16 -7.69 10.96
C CYS B 155 23.18 -8.83 10.66
N GLU B 156 24.04 -9.18 11.63
CA GLU B 156 25.19 -10.09 11.41
C GLU B 156 24.87 -11.57 11.18
N GLU B 157 25.91 -12.41 11.26
CA GLU B 157 25.75 -13.89 11.27
C GLU B 157 24.68 -14.42 12.27
N GLY B 158 24.51 -13.74 13.41
CA GLY B 158 23.35 -13.94 14.28
C GLY B 158 22.06 -13.36 13.66
N LYS B 159 21.68 -13.93 12.52
CA LYS B 159 20.51 -13.49 11.75
C LYS B 159 19.78 -14.67 11.05
N GLY B 160 19.76 -15.84 11.72
CA GLY B 160 18.81 -16.93 11.41
C GLY B 160 17.51 -16.73 12.18
N GLU B 161 17.63 -15.98 13.29
CA GLU B 161 16.52 -15.34 13.98
C GLU B 161 15.79 -14.24 13.21
N LEU B 162 16.04 -14.15 11.91
CA LEU B 162 15.32 -13.27 10.99
C LEU B 162 14.85 -14.03 9.79
N LYS B 163 15.69 -14.92 9.25
CA LYS B 163 15.34 -15.77 8.10
C LYS B 163 14.11 -16.66 8.34
N ASP B 164 14.02 -17.25 9.53
CA ASP B 164 12.90 -18.09 9.85
C ASP B 164 11.63 -17.21 9.98
N GLY B 165 11.79 -15.99 10.47
CA GLY B 165 10.64 -15.08 10.68
C GLY B 165 10.06 -14.68 9.37
N LEU B 166 10.96 -14.43 8.44
CA LEU B 166 10.64 -13.96 7.11
C LEU B 166 9.97 -15.03 6.31
N GLU B 167 10.53 -16.24 6.37
CA GLU B 167 9.87 -17.49 5.90
C GLU B 167 8.39 -17.51 6.25
N VAL B 168 8.12 -17.46 7.55
CA VAL B 168 6.74 -17.43 8.05
C VAL B 168 5.98 -16.26 7.44
N MET B 169 6.60 -15.08 7.44
CA MET B 169 5.92 -13.87 6.85
C MET B 169 5.87 -13.76 5.31
N LEU B 170 6.55 -14.66 4.64
CA LEU B 170 6.37 -14.81 3.20
C LEU B 170 5.31 -15.85 2.96
N SER B 171 5.20 -16.83 3.86
CA SER B 171 4.27 -17.96 3.68
C SER B 171 2.81 -17.59 3.91
N VAL B 172 2.58 -16.73 4.91
CA VAL B 172 1.24 -16.25 5.31
C VAL B 172 0.56 -15.46 4.18
N PRO B 173 1.17 -14.37 3.66
CA PRO B 173 0.55 -13.71 2.50
C PRO B 173 0.42 -14.59 1.26
N LYS B 174 1.40 -15.47 0.99
CA LYS B 174 1.25 -16.42 -0.15
C LYS B 174 0.07 -17.34 0.07
N LYS B 175 -0.09 -17.80 1.31
CA LYS B 175 -1.18 -18.71 1.65
C LYS B 175 -2.54 -18.03 1.52
N ALA B 176 -2.58 -16.74 1.84
CA ALA B 176 -3.79 -15.93 1.72
C ALA B 176 -4.04 -15.59 0.27
N ASN B 177 -2.97 -15.29 -0.47
CA ASN B 177 -3.04 -15.09 -1.89
C ASN B 177 -3.63 -16.32 -2.56
N ASP B 178 -3.12 -17.50 -2.20
CA ASP B 178 -3.51 -18.78 -2.86
C ASP B 178 -4.91 -19.21 -2.48
N ALA B 179 -5.43 -18.68 -1.38
CA ALA B 179 -6.80 -18.93 -0.94
C ALA B 179 -7.87 -18.15 -1.70
N MET B 180 -7.50 -17.19 -2.56
CA MET B 180 -8.49 -16.32 -3.19
C MET B 180 -9.19 -17.06 -4.34
N HIS B 181 -10.50 -16.82 -4.45
CA HIS B 181 -11.32 -17.22 -5.59
C HIS B 181 -11.11 -16.18 -6.67
C1 EDO C . 19.06 15.06 -20.77
O1 EDO C . 19.50 13.69 -20.78
C2 EDO C . 20.16 15.89 -21.41
O2 EDO C . 21.39 15.41 -20.87
N1 N6D D . 15.75 8.93 -6.72
C4 N6D D . 19.83 7.21 -3.25
C5 N6D D . 18.76 7.67 -3.98
C6 N6D D . 18.98 8.40 -5.16
C7 N6D D . 16.66 8.38 -5.79
C8 N6D D . 14.50 8.57 -6.59
C10 N6D D . 12.76 7.49 -5.92
N N6D D . 17.97 8.77 -5.98
C N6D D . 24.11 9.28 -6.69
O N6D D . 22.76 9.12 -6.40
C1 N6D D . 22.69 8.53 -5.16
C11 N6D D . 11.82 6.62 -5.27
C12 N6D D . 20.27 8.72 -5.60
C2 N6D D . 21.32 8.24 -4.84
C3 N6D D . 21.13 7.48 -3.68
C9 N6D D . 14.01 7.69 -5.60
N2 N6D D . 13.59 8.91 -7.45
O1 N6D D . 16.26 7.56 -4.89
O2 N6D D . 12.46 8.24 -7.06
#